data_7V3R
#
_entry.id   7V3R
#
_cell.length_a   43.083
_cell.length_b   80.833
_cell.length_c   90.774
_cell.angle_alpha   90.000
_cell.angle_beta   90.000
_cell.angle_gamma   90.000
#
_symmetry.space_group_name_H-M   'P 21 21 21'
#
loop_
_entity.id
_entity.type
_entity.pdbx_description
1 polymer 'Hepatocyte growth factor receptor'
2 non-polymer "~{N}1'-[3-fluoranyl-4-(2-phenylazanylpyrimidin-4-yl)oxy-phenyl]-~{N}1-(4-fluorophenyl)cyclopropane-1,1-dicarboxamide"
3 water water
#
_entity_poly.entity_id   1
_entity_poly.type   'polypeptide(L)'
_entity_poly.pdbx_seq_one_letter_code
;MGSSHHHHHHGDSDISSPLLQNTVHIDLSALNPELVQAVQHVVIGPSSLIVHFNEVIGRGHFGCVYHGTLLDNDGKKIHC
AVKSLNRITDIGEVSQFLTEGIIMKDFSHPNVLSLLGICLRSEGSPLVVLPYMKHGDLRNFIRNETHNPTVKDLIGFGLQ
VAKGMKYLASKKFVHRDLAARNCMLDEKFTVKVADFGLARDMYDKEYYSVHNKTGAKLPVKWMALESLQTQKFTTKSDVW
SFGVLLWELMTRGAPPYPDVNTFDITVYLLQGRRLLQPEYCPDPLYEVMLKCWHPKAEMRPSFSELVSRISAIFSTFIG
;
_entity_poly.pdbx_strand_id   A
#
# COMPACT_ATOMS: atom_id res chain seq x y z
N ILE A 26 6.58 -25.63 -9.40
CA ILE A 26 5.90 -25.87 -8.13
C ILE A 26 4.96 -27.06 -8.28
N ASP A 27 4.73 -27.74 -7.17
CA ASP A 27 3.84 -28.90 -7.10
C ASP A 27 2.58 -28.43 -6.40
N LEU A 28 1.51 -28.19 -7.19
CA LEU A 28 0.27 -27.69 -6.61
C LEU A 28 -0.28 -28.63 -5.55
N SER A 29 -0.01 -29.93 -5.68
CA SER A 29 -0.57 -30.91 -4.76
C SER A 29 -0.10 -30.71 -3.33
N ALA A 30 1.02 -30.01 -3.15
CA ALA A 30 1.58 -29.81 -1.82
C ALA A 30 1.00 -28.58 -1.12
N LEU A 31 0.31 -27.72 -1.85
CA LEU A 31 -0.27 -26.52 -1.27
C LEU A 31 -1.63 -26.81 -0.64
N ASN A 32 -2.07 -25.87 0.18
CA ASN A 32 -3.38 -25.98 0.82
C ASN A 32 -4.46 -26.03 -0.26
N PRO A 33 -5.34 -27.03 -0.24
CA PRO A 33 -6.30 -27.17 -1.35
C PRO A 33 -7.29 -26.01 -1.46
N GLU A 34 -7.65 -25.37 -0.35
CA GLU A 34 -8.54 -24.22 -0.44
C GLU A 34 -7.84 -23.04 -1.11
N LEU A 35 -6.53 -22.89 -0.85
CA LEU A 35 -5.75 -21.86 -1.52
C LEU A 35 -5.70 -22.11 -3.02
N VAL A 36 -5.36 -23.34 -3.42
CA VAL A 36 -5.28 -23.66 -4.85
C VAL A 36 -6.62 -23.40 -5.53
N GLN A 37 -7.73 -23.77 -4.87
CA GLN A 37 -9.04 -23.56 -5.46
C GLN A 37 -9.31 -22.07 -5.68
N ALA A 38 -8.94 -21.25 -4.70
CA ALA A 38 -9.11 -19.80 -4.85
C ALA A 38 -8.25 -19.26 -5.98
N VAL A 39 -7.04 -19.78 -6.13
CA VAL A 39 -6.16 -19.36 -7.23
C VAL A 39 -6.78 -19.72 -8.57
N GLN A 40 -7.33 -20.92 -8.69
CA GLN A 40 -7.89 -21.34 -9.97
C GLN A 40 -9.06 -20.45 -10.40
N HIS A 41 -9.80 -19.89 -9.45
CA HIS A 41 -10.89 -19.00 -9.82
C HIS A 41 -10.41 -17.69 -10.43
N VAL A 42 -9.13 -17.33 -10.24
CA VAL A 42 -8.61 -16.11 -10.86
C VAL A 42 -7.44 -16.42 -11.79
N VAL A 43 -7.41 -17.63 -12.34
CA VAL A 43 -6.23 -18.04 -13.09
C VAL A 43 -6.18 -17.33 -14.45
N ILE A 44 -4.97 -16.93 -14.84
CA ILE A 44 -4.66 -16.41 -16.17
C ILE A 44 -3.87 -17.49 -16.90
N GLY A 45 -4.32 -17.87 -18.09
CA GLY A 45 -3.59 -18.86 -18.87
C GLY A 45 -2.26 -18.30 -19.34
N PRO A 46 -1.20 -19.11 -19.31
CA PRO A 46 0.13 -18.56 -19.61
C PRO A 46 0.23 -17.95 -20.99
N SER A 47 -0.52 -18.46 -21.97
CA SER A 47 -0.44 -17.91 -23.31
C SER A 47 -1.11 -16.55 -23.44
N SER A 48 -1.92 -16.15 -22.45
CA SER A 48 -2.57 -14.84 -22.46
C SER A 48 -1.70 -13.73 -21.88
N LEU A 49 -0.54 -14.06 -21.32
CA LEU A 49 0.30 -13.10 -20.62
C LEU A 49 1.69 -13.09 -21.26
N ILE A 50 2.14 -11.91 -21.69
CA ILE A 50 3.51 -11.72 -22.15
C ILE A 50 4.24 -10.93 -21.08
N VAL A 51 5.27 -11.53 -20.50
CA VAL A 51 6.07 -10.85 -19.49
C VAL A 51 7.25 -10.21 -20.17
N HIS A 52 7.44 -8.91 -19.96
CA HIS A 52 8.56 -8.21 -20.57
C HIS A 52 9.69 -8.24 -19.55
N PHE A 53 10.49 -9.32 -19.59
CA PHE A 53 11.50 -9.55 -18.57
C PHE A 53 12.61 -8.53 -18.60
N ASN A 54 12.79 -7.86 -19.75
N ASN A 54 12.82 -7.85 -19.72
CA ASN A 54 13.74 -6.78 -19.94
CA ASN A 54 13.83 -6.79 -19.78
C ASN A 54 13.31 -5.47 -19.30
C ASN A 54 13.29 -5.44 -19.35
N GLU A 55 12.04 -5.36 -18.91
CA GLU A 55 11.44 -4.11 -18.44
C GLU A 55 11.07 -4.30 -16.98
N VAL A 56 12.02 -4.03 -16.09
CA VAL A 56 11.86 -4.30 -14.67
C VAL A 56 11.32 -3.05 -14.00
N ILE A 57 10.20 -3.22 -13.29
CA ILE A 57 9.65 -2.11 -12.49
C ILE A 57 10.39 -1.99 -11.17
N GLY A 58 10.69 -3.12 -10.53
CA GLY A 58 11.47 -3.10 -9.31
C GLY A 58 11.80 -4.51 -8.87
N ARG A 59 12.85 -4.61 -8.05
CA ARG A 59 13.35 -5.90 -7.61
C ARG A 59 13.83 -5.79 -6.18
N GLY A 60 13.45 -6.77 -5.35
CA GLY A 60 13.95 -6.85 -3.99
C GLY A 60 14.53 -8.21 -3.63
N HIS A 61 14.61 -8.49 -2.34
CA HIS A 61 15.23 -9.74 -1.89
C HIS A 61 14.39 -10.95 -2.26
N PHE A 62 13.07 -10.85 -2.14
CA PHE A 62 12.19 -11.99 -2.38
C PHE A 62 11.38 -11.89 -3.65
N GLY A 63 11.13 -10.69 -4.15
CA GLY A 63 10.25 -10.53 -5.29
C GLY A 63 10.85 -9.64 -6.36
N CYS A 64 10.19 -9.63 -7.50
CA CYS A 64 10.53 -8.78 -8.64
CA CYS A 64 10.52 -8.71 -8.58
C CYS A 64 9.26 -8.43 -9.39
N VAL A 65 9.24 -7.26 -10.01
CA VAL A 65 8.05 -6.84 -10.74
C VAL A 65 8.46 -6.42 -12.15
N TYR A 66 7.76 -6.95 -13.14
CA TYR A 66 8.03 -6.66 -14.54
C TYR A 66 6.84 -5.96 -15.18
N HIS A 67 7.11 -5.21 -16.26
CA HIS A 67 6.01 -4.83 -17.14
C HIS A 67 5.48 -6.07 -17.86
N GLY A 68 4.20 -6.07 -18.16
CA GLY A 68 3.61 -7.16 -18.92
C GLY A 68 2.48 -6.68 -19.80
N THR A 69 2.09 -7.55 -20.74
CA THR A 69 0.94 -7.35 -21.59
C THR A 69 -0.01 -8.52 -21.39
N LEU A 70 -1.23 -8.22 -20.98
CA LEU A 70 -2.28 -9.21 -20.82
C LEU A 70 -3.24 -9.07 -21.98
N LEU A 71 -3.55 -10.19 -22.64
CA LEU A 71 -4.52 -10.20 -23.73
C LEU A 71 -5.86 -10.68 -23.23
N ASP A 72 -6.91 -9.88 -23.45
CA ASP A 72 -8.25 -10.28 -23.05
C ASP A 72 -8.87 -11.14 -24.15
N ASN A 73 -10.15 -11.50 -23.98
CA ASN A 73 -10.77 -12.46 -24.89
C ASN A 73 -10.94 -11.90 -26.29
N ASP A 74 -11.05 -10.58 -26.44
CA ASP A 74 -11.16 -9.95 -27.75
C ASP A 74 -9.80 -9.57 -28.33
N GLY A 75 -8.71 -9.96 -27.68
CA GLY A 75 -7.39 -9.60 -28.14
C GLY A 75 -6.94 -8.22 -27.74
N LYS A 76 -7.72 -7.49 -26.95
CA LYS A 76 -7.28 -6.21 -26.45
C LYS A 76 -6.09 -6.39 -25.52
N LYS A 77 -5.07 -5.55 -25.72
CA LYS A 77 -3.86 -5.62 -24.91
C LYS A 77 -4.02 -4.72 -23.68
N ILE A 78 -3.69 -5.27 -22.52
CA ILE A 78 -3.83 -4.59 -21.23
C ILE A 78 -2.44 -4.45 -20.63
N HIS A 79 -2.03 -3.22 -20.34
CA HIS A 79 -0.75 -2.99 -19.68
C HIS A 79 -0.87 -3.38 -18.22
N CYS A 80 0.00 -4.28 -17.77
CA CYS A 80 -0.08 -4.78 -16.41
C CYS A 80 1.31 -4.76 -15.78
N ALA A 81 1.32 -4.92 -14.46
CA ALA A 81 2.54 -5.22 -13.71
C ALA A 81 2.48 -6.68 -13.31
N VAL A 82 3.61 -7.38 -13.41
CA VAL A 82 3.68 -8.81 -13.21
C VAL A 82 4.68 -9.08 -12.09
N LYS A 83 4.19 -9.59 -10.96
CA LYS A 83 5.03 -9.82 -9.80
C LYS A 83 5.39 -11.28 -9.70
N SER A 84 6.66 -11.55 -9.43
CA SER A 84 7.20 -12.90 -9.37
C SER A 84 8.01 -13.08 -8.10
N LEU A 85 8.13 -14.32 -7.63
CA LEU A 85 9.12 -14.63 -6.63
C LEU A 85 10.48 -14.85 -7.27
N ASN A 86 11.53 -14.63 -6.47
CA ASN A 86 12.87 -14.92 -6.97
C ASN A 86 13.24 -16.38 -6.76
N ARG A 87 12.61 -17.07 -5.81
CA ARG A 87 12.89 -18.47 -5.51
C ARG A 87 11.58 -19.18 -5.20
N ILE A 88 11.48 -20.47 -5.57
CA ILE A 88 10.23 -21.18 -5.41
C ILE A 88 10.45 -22.52 -4.71
N THR A 89 11.51 -22.60 -3.92
CA THR A 89 11.87 -23.85 -3.26
C THR A 89 11.21 -24.05 -1.91
N ASP A 90 10.74 -22.97 -1.28
CA ASP A 90 10.16 -23.06 0.05
C ASP A 90 8.65 -23.00 -0.04
N ILE A 91 7.98 -24.03 0.46
CA ILE A 91 6.53 -24.09 0.34
C ILE A 91 5.87 -22.95 1.11
N GLY A 92 6.46 -22.53 2.23
CA GLY A 92 5.90 -21.41 2.98
C GLY A 92 5.92 -20.11 2.18
N GLU A 93 7.04 -19.83 1.51
CA GLU A 93 7.12 -18.61 0.71
C GLU A 93 6.14 -18.64 -0.46
N VAL A 94 6.04 -19.79 -1.14
CA VAL A 94 5.12 -19.89 -2.28
C VAL A 94 3.68 -19.73 -1.80
N SER A 95 3.33 -20.42 -0.71
CA SER A 95 1.97 -20.32 -0.18
CA SER A 95 1.97 -20.31 -0.18
C SER A 95 1.65 -18.88 0.22
N GLN A 96 2.59 -18.22 0.91
CA GLN A 96 2.36 -16.86 1.36
C GLN A 96 2.19 -15.90 0.18
N PHE A 97 3.02 -16.07 -0.85
CA PHE A 97 2.95 -15.25 -2.06
C PHE A 97 1.59 -15.41 -2.73
N LEU A 98 1.14 -16.65 -2.91
CA LEU A 98 -0.18 -16.87 -3.49
C LEU A 98 -1.27 -16.31 -2.59
N THR A 99 -1.09 -16.44 -1.27
CA THR A 99 -2.09 -15.96 -0.32
C THR A 99 -2.23 -14.44 -0.41
N GLU A 100 -1.11 -13.73 -0.62
CA GLU A 100 -1.17 -12.28 -0.79
C GLU A 100 -2.02 -11.89 -1.99
N GLY A 101 -1.91 -12.65 -3.08
CA GLY A 101 -2.75 -12.37 -4.24
C GLY A 101 -4.21 -12.67 -3.99
N ILE A 102 -4.48 -13.80 -3.34
CA ILE A 102 -5.87 -14.17 -3.05
C ILE A 102 -6.52 -13.19 -2.09
N ILE A 103 -5.76 -12.64 -1.13
CA ILE A 103 -6.35 -11.70 -0.17
C ILE A 103 -6.98 -10.52 -0.91
N MET A 104 -6.41 -10.11 -2.03
CA MET A 104 -6.92 -8.93 -2.70
C MET A 104 -7.91 -9.23 -3.81
N LYS A 105 -8.24 -10.50 -4.06
CA LYS A 105 -9.02 -10.83 -5.26
C LYS A 105 -10.43 -10.27 -5.21
N ASP A 106 -10.98 -10.06 -4.04
CA ASP A 106 -12.32 -9.48 -3.97
C ASP A 106 -12.32 -8.00 -3.61
N PHE A 107 -11.17 -7.37 -3.45
CA PHE A 107 -11.14 -5.93 -3.29
C PHE A 107 -11.71 -5.29 -4.54
N SER A 108 -12.84 -4.61 -4.39
CA SER A 108 -13.52 -3.95 -5.51
C SER A 108 -13.89 -2.53 -5.08
N HIS A 109 -12.96 -1.60 -5.24
CA HIS A 109 -13.20 -0.23 -4.80
C HIS A 109 -12.28 0.68 -5.61
N PRO A 110 -12.74 1.86 -6.00
CA PRO A 110 -11.92 2.72 -6.87
C PRO A 110 -10.62 3.20 -6.22
N ASN A 111 -10.50 3.14 -4.90
CA ASN A 111 -9.28 3.55 -4.23
C ASN A 111 -8.53 2.38 -3.60
N VAL A 112 -8.73 1.16 -4.12
CA VAL A 112 -7.99 -0.01 -3.65
C VAL A 112 -7.46 -0.75 -4.88
N LEU A 113 -6.17 -1.10 -4.85
CA LEU A 113 -5.62 -1.82 -5.99
C LEU A 113 -6.32 -3.16 -6.18
N SER A 114 -6.65 -3.48 -7.43
CA SER A 114 -7.34 -4.71 -7.76
C SER A 114 -6.38 -5.73 -8.37
N LEU A 115 -6.83 -6.97 -8.46
CA LEU A 115 -6.06 -8.09 -8.97
C LEU A 115 -6.58 -8.46 -10.34
N LEU A 116 -5.71 -8.51 -11.35
CA LEU A 116 -6.17 -8.99 -12.64
C LEU A 116 -6.23 -10.51 -12.67
N GLY A 117 -5.29 -11.16 -12.01
CA GLY A 117 -5.33 -12.60 -11.90
C GLY A 117 -3.97 -13.14 -11.50
N ILE A 118 -3.89 -14.46 -11.51
CA ILE A 118 -2.66 -15.17 -11.13
C ILE A 118 -2.35 -16.15 -12.23
N CYS A 119 -1.13 -16.10 -12.73
CA CYS A 119 -0.71 -16.98 -13.81
C CYS A 119 0.14 -18.10 -13.22
N LEU A 120 -0.38 -19.33 -13.29
CA LEU A 120 0.39 -20.51 -12.91
C LEU A 120 1.11 -21.04 -14.14
N ARG A 121 2.40 -21.28 -14.00
CA ARG A 121 3.22 -21.77 -15.10
C ARG A 121 3.78 -23.14 -14.75
N SER A 122 4.01 -23.96 -15.77
CA SER A 122 4.59 -25.28 -15.51
C SER A 122 6.00 -25.17 -14.99
N GLU A 123 6.72 -24.09 -15.31
CA GLU A 123 8.05 -23.86 -14.78
C GLU A 123 8.12 -22.47 -14.21
N GLY A 124 8.78 -22.33 -13.07
CA GLY A 124 9.05 -21.03 -12.51
C GLY A 124 7.97 -20.55 -11.56
N SER A 125 8.15 -19.31 -11.13
CA SER A 125 7.28 -18.74 -10.12
C SER A 125 5.88 -18.55 -10.69
N PRO A 126 4.85 -18.71 -9.85
CA PRO A 126 3.55 -18.13 -10.21
C PRO A 126 3.69 -16.63 -10.33
N LEU A 127 2.80 -16.03 -11.10
CA LEU A 127 2.85 -14.60 -11.40
C LEU A 127 1.58 -13.94 -10.91
N VAL A 128 1.72 -12.88 -10.11
CA VAL A 128 0.60 -12.09 -9.65
C VAL A 128 0.49 -10.89 -10.59
N VAL A 129 -0.66 -10.72 -11.21
CA VAL A 129 -0.84 -9.76 -12.30
C VAL A 129 -1.73 -8.63 -11.80
N LEU A 130 -1.22 -7.39 -11.87
CA LEU A 130 -1.86 -6.19 -11.37
C LEU A 130 -2.06 -5.19 -12.51
N PRO A 131 -3.13 -4.38 -12.48
CA PRO A 131 -3.25 -3.32 -13.49
C PRO A 131 -2.11 -2.32 -13.33
N TYR A 132 -1.57 -1.86 -14.47
CA TYR A 132 -0.40 -0.99 -14.39
C TYR A 132 -0.78 0.39 -13.87
N MET A 133 0.04 0.90 -12.96
CA MET A 133 -0.16 2.21 -12.33
C MET A 133 0.89 3.17 -12.88
N LYS A 134 0.44 4.09 -13.73
CA LYS A 134 1.35 4.92 -14.52
C LYS A 134 2.30 5.73 -13.63
N HIS A 135 1.81 6.22 -12.50
CA HIS A 135 2.61 7.15 -11.69
C HIS A 135 3.23 6.48 -10.47
N GLY A 136 3.33 5.16 -10.47
CA GLY A 136 4.08 4.46 -9.44
C GLY A 136 3.49 4.66 -8.07
N ASP A 137 4.36 4.73 -7.06
CA ASP A 137 3.88 4.86 -5.69
C ASP A 137 3.67 6.32 -5.35
N LEU A 138 2.74 6.55 -4.43
CA LEU A 138 2.34 7.91 -4.07
C LEU A 138 3.50 8.71 -3.47
N ARG A 139 4.38 8.07 -2.69
CA ARG A 139 5.47 8.82 -2.07
C ARG A 139 6.43 9.37 -3.11
N ASN A 140 6.87 8.52 -4.04
CA ASN A 140 7.78 9.04 -5.05
C ASN A 140 7.08 10.06 -5.94
N PHE A 141 5.78 9.93 -6.12
CA PHE A 141 5.06 10.91 -6.94
C PHE A 141 5.08 12.28 -6.28
N ILE A 142 4.74 12.36 -4.99
CA ILE A 142 4.70 13.69 -4.37
C ILE A 142 6.10 14.25 -4.17
N ARG A 143 7.13 13.41 -4.17
CA ARG A 143 8.49 13.87 -4.04
C ARG A 143 9.09 14.37 -5.35
N ASN A 144 8.46 14.06 -6.47
CA ASN A 144 9.00 14.37 -7.79
C ASN A 144 8.76 15.85 -8.06
N GLU A 145 9.83 16.65 -8.08
CA GLU A 145 9.67 18.09 -8.19
C GLU A 145 9.11 18.53 -9.54
N THR A 146 9.08 17.64 -10.54
CA THR A 146 8.46 17.95 -11.82
C THR A 146 6.93 17.87 -11.79
N HIS A 147 6.35 17.37 -10.70
CA HIS A 147 4.91 17.43 -10.48
C HIS A 147 4.62 18.57 -9.50
N ASN A 148 3.46 19.20 -9.66
CA ASN A 148 3.12 20.37 -8.86
C ASN A 148 1.71 20.27 -8.27
N PRO A 149 1.43 19.23 -7.47
CA PRO A 149 0.11 19.16 -6.84
C PRO A 149 -0.09 20.30 -5.86
N THR A 150 -1.30 20.88 -5.89
CA THR A 150 -1.67 21.91 -4.94
C THR A 150 -1.95 21.31 -3.57
N VAL A 151 -2.07 22.17 -2.57
CA VAL A 151 -2.49 21.69 -1.26
C VAL A 151 -3.83 20.94 -1.37
N LYS A 152 -4.76 21.50 -2.12
CA LYS A 152 -6.04 20.82 -2.32
C LYS A 152 -5.83 19.45 -2.96
N ASP A 153 -4.97 19.36 -3.98
CA ASP A 153 -4.72 18.06 -4.61
C ASP A 153 -4.19 17.05 -3.61
N LEU A 154 -3.26 17.48 -2.74
CA LEU A 154 -2.65 16.58 -1.75
C LEU A 154 -3.67 16.16 -0.71
N ILE A 155 -4.52 17.07 -0.28
CA ILE A 155 -5.62 16.68 0.60
C ILE A 155 -6.53 15.69 -0.10
N GLY A 156 -6.79 15.93 -1.39
CA GLY A 156 -7.59 14.97 -2.17
C GLY A 156 -6.97 13.57 -2.19
N PHE A 157 -5.65 13.49 -2.35
CA PHE A 157 -5.01 12.18 -2.27
C PHE A 157 -5.27 11.53 -0.93
N GLY A 158 -5.22 12.33 0.14
CA GLY A 158 -5.46 11.79 1.46
C GLY A 158 -6.89 11.34 1.63
N LEU A 159 -7.83 12.09 1.07
CA LEU A 159 -9.23 11.69 1.09
C LEU A 159 -9.43 10.36 0.36
N GLN A 160 -8.76 10.19 -0.78
CA GLN A 160 -8.89 8.94 -1.51
C GLN A 160 -8.35 7.75 -0.71
N VAL A 161 -7.22 7.94 -0.01
CA VAL A 161 -6.71 6.87 0.86
C VAL A 161 -7.72 6.57 1.96
N ALA A 162 -8.31 7.61 2.55
CA ALA A 162 -9.30 7.37 3.60
C ALA A 162 -10.50 6.58 3.05
N LYS A 163 -10.90 6.87 1.81
CA LYS A 163 -12.02 6.14 1.21
C LYS A 163 -11.69 4.68 0.99
N GLY A 164 -10.47 4.40 0.51
CA GLY A 164 -10.07 3.02 0.34
C GLY A 164 -9.98 2.31 1.68
N MET A 165 -9.46 3.01 2.70
CA MET A 165 -9.34 2.39 4.03
C MET A 165 -10.71 2.21 4.66
N LYS A 166 -11.65 3.12 4.40
CA LYS A 166 -13.01 2.93 4.91
C LYS A 166 -13.61 1.65 4.33
N TYR A 167 -13.36 1.40 3.05
CA TYR A 167 -13.81 0.17 2.42
C TYR A 167 -13.14 -1.04 3.05
N LEU A 168 -11.82 -1.00 3.19
CA LEU A 168 -11.10 -2.14 3.75
C LEU A 168 -11.52 -2.40 5.19
N ALA A 169 -11.65 -1.34 5.99
CA ALA A 169 -12.11 -1.54 7.36
C ALA A 169 -13.49 -2.19 7.41
N SER A 170 -14.35 -1.88 6.45
CA SER A 170 -15.68 -2.47 6.44
C SER A 170 -15.63 -3.96 6.17
N LYS A 171 -14.55 -4.44 5.55
CA LYS A 171 -14.31 -5.85 5.34
C LYS A 171 -13.52 -6.48 6.47
N LYS A 172 -13.27 -5.73 7.55
CA LYS A 172 -12.46 -6.17 8.67
C LYS A 172 -11.03 -6.51 8.24
N PHE A 173 -10.54 -5.86 7.19
CA PHE A 173 -9.16 -6.05 6.74
C PHE A 173 -8.27 -5.01 7.42
N VAL A 174 -7.21 -5.50 8.07
CA VAL A 174 -6.20 -4.64 8.70
C VAL A 174 -4.97 -4.62 7.81
N HIS A 175 -4.52 -3.42 7.45
CA HIS A 175 -3.47 -3.28 6.44
C HIS A 175 -2.09 -3.60 7.01
N ARG A 176 -1.75 -2.98 8.15
CA ARG A 176 -0.51 -3.18 8.91
C ARG A 176 0.68 -2.38 8.37
N ASP A 177 0.64 -1.92 7.12
CA ASP A 177 1.77 -1.12 6.60
C ASP A 177 1.26 -0.01 5.70
N LEU A 178 0.26 0.74 6.17
CA LEU A 178 -0.21 1.90 5.42
C LEU A 178 0.82 3.02 5.48
N ALA A 179 1.20 3.51 4.30
CA ALA A 179 2.24 4.51 4.12
C ALA A 179 2.19 4.94 2.67
N ALA A 180 2.66 6.17 2.39
CA ALA A 180 2.59 6.65 1.02
C ALA A 180 3.36 5.73 0.05
N ARG A 181 4.46 5.13 0.50
CA ARG A 181 5.27 4.25 -0.36
C ARG A 181 4.51 3.01 -0.82
N ASN A 182 3.42 2.66 -0.14
CA ASN A 182 2.72 1.43 -0.49
C ASN A 182 1.45 1.66 -1.30
N CYS A 183 1.02 2.92 -1.46
CA CYS A 183 -0.13 3.28 -2.27
C CYS A 183 0.32 3.64 -3.68
N MET A 184 -0.53 3.31 -4.66
CA MET A 184 -0.20 3.56 -6.05
C MET A 184 -1.06 4.68 -6.61
N LEU A 185 -0.63 5.20 -7.76
CA LEU A 185 -1.33 6.29 -8.42
C LEU A 185 -1.48 5.97 -9.91
N ASP A 186 -2.71 5.94 -10.41
CA ASP A 186 -2.92 5.57 -11.80
C ASP A 186 -2.85 6.81 -12.72
N GLU A 187 -3.16 6.61 -14.00
CA GLU A 187 -2.95 7.63 -15.02
C GLU A 187 -3.92 8.79 -14.88
N LYS A 188 -5.01 8.61 -14.13
CA LYS A 188 -5.95 9.67 -13.84
C LYS A 188 -5.69 10.31 -12.49
N PHE A 189 -4.56 9.96 -11.85
CA PHE A 189 -4.19 10.42 -10.52
C PHE A 189 -5.19 9.94 -9.48
N THR A 190 -5.76 8.76 -9.71
CA THR A 190 -6.55 8.07 -8.70
C THR A 190 -5.62 7.26 -7.82
N VAL A 191 -5.73 7.46 -6.50
CA VAL A 191 -4.93 6.71 -5.54
C VAL A 191 -5.53 5.34 -5.33
N LYS A 192 -4.69 4.30 -5.41
CA LYS A 192 -5.07 2.92 -5.11
C LYS A 192 -4.29 2.49 -3.87
N VAL A 193 -5.00 2.34 -2.74
CA VAL A 193 -4.38 1.73 -1.57
C VAL A 193 -3.89 0.34 -1.92
N ALA A 194 -2.65 0.05 -1.50
CA ALA A 194 -2.03 -1.21 -1.87
C ALA A 194 -1.00 -1.56 -0.80
N ASP A 195 -0.34 -2.70 -0.97
CA ASP A 195 0.79 -3.05 -0.13
C ASP A 195 1.95 -3.36 -1.08
N PHE A 196 2.40 -2.32 -1.80
CA PHE A 196 3.50 -2.45 -2.76
C PHE A 196 4.67 -3.22 -2.16
N GLY A 197 5.18 -2.75 -1.02
CA GLY A 197 6.20 -3.49 -0.32
C GLY A 197 7.53 -3.53 -1.02
N LEU A 198 7.76 -2.66 -1.99
CA LEU A 198 9.04 -2.62 -2.68
C LEU A 198 10.15 -2.14 -1.74
N ALA A 199 9.90 -1.06 -1.00
CA ALA A 199 10.87 -0.60 -0.01
C ALA A 199 11.09 -1.67 1.05
N ARG A 200 10.01 -2.35 1.46
CA ARG A 200 10.12 -3.43 2.44
C ARG A 200 10.99 -4.55 1.90
N ASP A 201 10.71 -4.98 0.67
CA ASP A 201 11.45 -6.10 0.09
C ASP A 201 12.89 -5.70 -0.23
N MET A 202 13.17 -4.42 -0.35
CA MET A 202 14.53 -3.94 -0.53
C MET A 202 15.22 -3.64 0.79
N TYR A 203 14.59 -3.99 1.91
CA TYR A 203 15.16 -3.74 3.25
C TYR A 203 15.47 -2.26 3.44
N ASP A 204 14.53 -1.40 3.05
CA ASP A 204 14.63 0.04 3.22
C ASP A 204 14.75 0.40 4.70
N LYS A 205 15.49 1.48 4.97
CA LYS A 205 15.82 1.88 6.35
C LYS A 205 14.58 2.03 7.22
N GLU A 206 13.42 2.36 6.63
CA GLU A 206 12.23 2.60 7.42
C GLU A 206 11.67 1.34 8.08
N TYR A 207 12.25 0.18 7.81
CA TYR A 207 11.84 -1.07 8.44
C TYR A 207 12.93 -1.53 9.39
N TYR A 208 12.58 -1.67 10.67
CA TYR A 208 13.52 -2.05 11.70
C TYR A 208 13.12 -3.38 12.32
N SER A 209 14.12 -4.17 12.70
CA SER A 209 13.89 -5.33 13.56
C SER A 209 15.03 -5.45 14.57
N LEU A 218 9.64 -4.11 10.84
CA LEU A 218 8.46 -3.31 11.18
C LEU A 218 8.64 -1.85 10.81
N PRO A 219 7.58 -1.23 10.26
CA PRO A 219 7.63 0.19 9.82
C PRO A 219 7.40 1.15 10.97
N VAL A 220 8.37 1.21 11.88
CA VAL A 220 8.10 1.71 13.23
C VAL A 220 7.66 3.17 13.23
N LYS A 221 8.12 3.99 12.28
CA LYS A 221 7.71 5.40 12.29
C LYS A 221 6.28 5.62 11.80
N TRP A 222 5.61 4.57 11.32
CA TRP A 222 4.20 4.64 10.98
C TRP A 222 3.32 3.91 11.98
N MET A 223 3.90 3.31 13.02
CA MET A 223 3.17 2.42 13.91
C MET A 223 2.58 3.14 15.13
N ALA A 224 1.40 2.70 15.53
CA ALA A 224 0.77 3.18 16.76
C ALA A 224 1.59 2.76 17.98
N LEU A 225 1.49 3.57 19.04
CA LEU A 225 2.23 3.29 20.27
C LEU A 225 2.00 1.87 20.77
N GLU A 226 0.74 1.43 20.77
CA GLU A 226 0.44 0.09 21.29
C GLU A 226 1.04 -0.99 20.41
N SER A 227 1.11 -0.78 19.09
CA SER A 227 1.74 -1.78 18.22
C SER A 227 3.25 -1.80 18.40
N LEU A 228 3.85 -0.63 18.68
CA LEU A 228 5.27 -0.62 19.01
C LEU A 228 5.55 -1.48 20.24
N GLN A 229 4.59 -1.54 21.16
CA GLN A 229 4.76 -2.26 22.41
C GLN A 229 4.36 -3.72 22.31
N THR A 230 3.35 -4.08 21.50
CA THR A 230 2.81 -5.43 21.42
C THR A 230 3.01 -6.13 20.09
N GLN A 231 3.35 -5.40 19.03
CA GLN A 231 3.41 -5.88 17.66
C GLN A 231 2.08 -6.43 17.16
N LYS A 232 0.98 -6.05 17.80
CA LYS A 232 -0.37 -6.33 17.31
C LYS A 232 -0.90 -5.12 16.53
N PHE A 233 -1.69 -5.41 15.49
CA PHE A 233 -2.23 -4.37 14.62
C PHE A 233 -3.75 -4.48 14.56
N THR A 234 -4.41 -3.32 14.42
CA THR A 234 -5.86 -3.23 14.34
C THR A 234 -6.22 -2.16 13.33
N THR A 235 -7.52 -2.05 13.02
CA THR A 235 -7.94 -0.92 12.18
C THR A 235 -7.59 0.41 12.86
N LYS A 236 -7.67 0.47 14.19
CA LYS A 236 -7.33 1.73 14.86
C LYS A 236 -5.82 2.01 14.83
N SER A 237 -4.96 0.99 14.68
CA SER A 237 -3.56 1.33 14.44
C SER A 237 -3.32 1.67 12.97
N ASP A 238 -4.15 1.17 12.05
CA ASP A 238 -4.12 1.70 10.68
C ASP A 238 -4.46 3.18 10.67
N VAL A 239 -5.39 3.60 11.55
CA VAL A 239 -5.73 5.02 11.63
C VAL A 239 -4.50 5.85 12.02
N TRP A 240 -3.71 5.34 12.98
CA TRP A 240 -2.47 6.05 13.33
C TRP A 240 -1.58 6.21 12.10
N SER A 241 -1.37 5.11 11.37
CA SER A 241 -0.54 5.16 10.17
C SER A 241 -1.11 6.13 9.15
N PHE A 242 -2.44 6.17 9.03
CA PHE A 242 -3.06 7.12 8.11
C PHE A 242 -2.70 8.55 8.49
N GLY A 243 -2.70 8.86 9.80
CA GLY A 243 -2.26 10.19 10.21
C GLY A 243 -0.84 10.51 9.76
N VAL A 244 0.07 9.53 9.86
CA VAL A 244 1.42 9.75 9.36
C VAL A 244 1.39 9.94 7.84
N LEU A 245 0.57 9.15 7.14
CA LEU A 245 0.46 9.33 5.68
C LEU A 245 -0.03 10.73 5.32
N LEU A 246 -1.00 11.28 6.09
CA LEU A 246 -1.41 12.66 5.85
C LEU A 246 -0.24 13.62 6.02
N TRP A 247 0.58 13.40 7.05
CA TRP A 247 1.77 14.22 7.24
C TRP A 247 2.73 14.08 6.07
N GLU A 248 2.90 12.87 5.54
CA GLU A 248 3.68 12.69 4.31
C GLU A 248 3.13 13.54 3.19
N LEU A 249 1.80 13.53 3.02
CA LEU A 249 1.23 14.30 1.91
C LEU A 249 1.51 15.79 2.07
N MET A 250 1.35 16.27 3.31
CA MET A 250 1.44 17.72 3.55
C MET A 250 2.89 18.22 3.51
N THR A 251 3.86 17.32 3.59
CA THR A 251 5.28 17.67 3.42
C THR A 251 5.83 17.28 2.07
N ARG A 252 4.97 16.81 1.15
CA ARG A 252 5.37 16.27 -0.15
C ARG A 252 6.45 15.21 -0.01
N GLY A 253 6.26 14.30 0.96
CA GLY A 253 7.07 13.10 1.03
C GLY A 253 8.32 13.21 1.88
N ALA A 254 8.32 14.11 2.87
CA ALA A 254 9.44 14.18 3.78
C ALA A 254 9.45 12.92 4.65
N PRO A 255 10.63 12.47 5.07
CA PRO A 255 10.69 11.34 6.02
C PRO A 255 10.24 11.77 7.39
N PRO A 256 9.36 11.01 8.04
CA PRO A 256 8.91 11.41 9.39
C PRO A 256 10.02 11.20 10.40
N TYR A 257 10.07 12.10 11.39
CA TYR A 257 11.03 12.04 12.48
C TYR A 257 12.48 11.87 11.98
N PRO A 258 12.94 12.75 11.09
CA PRO A 258 14.20 12.46 10.37
C PRO A 258 15.41 12.37 11.28
N ASP A 259 15.39 13.08 12.41
CA ASP A 259 16.48 13.07 13.37
C ASP A 259 16.25 12.07 14.49
N VAL A 260 15.29 11.16 14.35
CA VAL A 260 15.09 10.05 15.27
C VAL A 260 15.42 8.76 14.54
N ASN A 261 16.22 7.91 15.16
N ASN A 261 16.22 7.92 15.16
CA ASN A 261 16.48 6.60 14.58
CA ASN A 261 16.46 6.61 14.59
C ASN A 261 15.31 5.67 14.87
C ASN A 261 15.26 5.70 14.82
N THR A 262 15.18 4.62 14.03
CA THR A 262 14.06 3.71 14.15
C THR A 262 14.01 3.06 15.54
N ASP A 264 14.62 4.15 18.33
CA ASP A 264 14.32 5.06 19.43
C ASP A 264 12.90 5.63 19.41
N ILE A 265 12.07 5.26 18.43
CA ILE A 265 10.84 6.03 18.22
C ILE A 265 9.85 5.86 19.38
N THR A 266 9.87 4.71 20.07
CA THR A 266 8.92 4.49 21.14
C THR A 266 9.22 5.39 22.34
N VAL A 267 10.49 5.48 22.72
CA VAL A 267 10.90 6.39 23.79
C VAL A 267 10.59 7.83 23.40
N TYR A 268 10.85 8.18 22.15
CA TYR A 268 10.61 9.54 21.67
C TYR A 268 9.13 9.92 21.81
N LEU A 269 8.24 9.07 21.32
CA LEU A 269 6.81 9.36 21.43
C LEU A 269 6.37 9.46 22.88
N LEU A 270 6.83 8.53 23.72
CA LEU A 270 6.39 8.52 25.12
C LEU A 270 6.92 9.71 25.92
N GLN A 271 7.87 10.47 25.38
CA GLN A 271 8.23 11.71 26.04
C GLN A 271 7.12 12.75 25.91
N GLY A 272 6.15 12.52 25.03
CA GLY A 272 5.05 13.47 24.88
C GLY A 272 5.11 14.22 23.56
N ARG A 273 5.45 13.52 22.50
CA ARG A 273 5.77 14.15 21.22
C ARG A 273 4.89 13.62 20.10
N ARG A 274 4.69 14.48 19.09
CA ARG A 274 4.09 14.07 17.83
C ARG A 274 4.82 14.77 16.70
N LEU A 275 4.60 14.31 15.47
CA LEU A 275 5.08 15.05 14.31
C LEU A 275 4.56 16.48 14.34
N LEU A 276 5.42 17.42 13.94
CA LEU A 276 5.06 18.83 13.91
C LEU A 276 4.13 19.16 12.76
N GLN A 277 3.38 20.26 12.90
CA GLN A 277 2.45 20.67 11.84
C GLN A 277 3.22 21.19 10.62
N PRO A 278 3.04 20.60 9.45
CA PRO A 278 3.71 21.13 8.26
C PRO A 278 3.22 22.53 7.91
N GLU A 279 4.13 23.33 7.32
CA GLU A 279 3.85 24.74 7.04
C GLU A 279 2.57 24.94 6.24
N TYR A 280 2.30 24.06 5.27
CA TYR A 280 1.10 24.25 4.46
C TYR A 280 -0.04 23.32 4.83
N CYS A 281 0.04 22.68 5.99
CA CYS A 281 -1.04 21.84 6.48
C CYS A 281 -2.09 22.70 7.17
N PRO A 282 -3.34 22.72 6.69
CA PRO A 282 -4.39 23.51 7.39
C PRO A 282 -4.55 23.07 8.83
N ASP A 283 -4.86 24.04 9.70
CA ASP A 283 -5.10 23.72 11.12
C ASP A 283 -6.09 22.58 11.32
N PRO A 284 -7.28 22.58 10.69
CA PRO A 284 -8.19 21.44 10.93
C PRO A 284 -7.63 20.11 10.49
N LEU A 285 -6.78 20.07 9.47
CA LEU A 285 -6.17 18.80 9.07
C LEU A 285 -5.11 18.36 10.08
N TYR A 286 -4.35 19.30 10.66
CA TYR A 286 -3.44 18.90 11.75
C TYR A 286 -4.22 18.37 12.94
N GLU A 287 -5.36 18.98 13.24
CA GLU A 287 -6.21 18.47 14.32
C GLU A 287 -6.63 17.04 14.03
N VAL A 288 -6.98 16.75 12.77
CA VAL A 288 -7.28 15.38 12.36
C VAL A 288 -6.08 14.46 12.60
N MET A 289 -4.88 14.92 12.25
CA MET A 289 -3.69 14.11 12.51
C MET A 289 -3.56 13.80 13.99
N LEU A 290 -3.72 14.81 14.84
CA LEU A 290 -3.57 14.57 16.27
C LEU A 290 -4.63 13.58 16.79
N LYS A 291 -5.84 13.61 16.21
CA LYS A 291 -6.86 12.62 16.57
C LYS A 291 -6.45 11.23 16.13
N CYS A 292 -5.82 11.11 14.97
CA CYS A 292 -5.35 9.81 14.49
C CYS A 292 -4.28 9.24 15.38
N TRP A 293 -3.54 10.10 16.09
CA TRP A 293 -2.48 9.67 17.00
C TRP A 293 -2.93 9.69 18.46
N HIS A 294 -4.24 9.61 18.72
CA HIS A 294 -4.72 9.58 20.09
C HIS A 294 -4.01 8.47 20.85
N PRO A 295 -3.60 8.71 22.10
CA PRO A 295 -2.92 7.64 22.84
C PRO A 295 -3.80 6.41 23.08
N LYS A 296 -5.12 6.57 23.10
CA LYS A 296 -6.06 5.45 23.23
C LYS A 296 -6.57 5.07 21.85
N ALA A 297 -6.28 3.85 21.41
CA ALA A 297 -6.72 3.42 20.09
C ALA A 297 -8.23 3.56 19.92
N GLU A 298 -8.99 3.24 20.97
CA GLU A 298 -10.45 3.28 20.92
C GLU A 298 -10.98 4.68 20.64
N MET A 299 -10.18 5.71 20.90
CA MET A 299 -10.60 7.10 20.74
C MET A 299 -10.19 7.71 19.40
N ARG A 300 -9.44 6.98 18.58
CA ARG A 300 -9.11 7.46 17.24
C ARG A 300 -10.34 7.39 16.33
N PRO A 301 -10.52 8.36 15.44
CA PRO A 301 -11.68 8.34 14.56
C PRO A 301 -11.65 7.15 13.61
N SER A 302 -12.84 6.66 13.30
CA SER A 302 -12.99 5.65 12.26
C SER A 302 -12.62 6.23 10.89
N PHE A 303 -12.33 5.33 9.95
CA PHE A 303 -12.12 5.81 8.59
C PHE A 303 -13.37 6.43 7.99
N SER A 304 -14.57 5.96 8.39
CA SER A 304 -15.79 6.64 7.97
C SER A 304 -15.81 8.09 8.45
N GLU A 305 -15.48 8.31 9.72
CA GLU A 305 -15.41 9.69 10.23
C GLU A 305 -14.35 10.50 9.50
N LEU A 306 -13.19 9.87 9.22
CA LEU A 306 -12.11 10.57 8.54
C LEU A 306 -12.53 10.98 7.13
N VAL A 307 -13.22 10.10 6.40
CA VAL A 307 -13.70 10.48 5.07
C VAL A 307 -14.60 11.71 5.16
N SER A 308 -15.51 11.70 6.12
CA SER A 308 -16.44 12.82 6.26
C SER A 308 -15.68 14.11 6.57
N ARG A 309 -14.81 14.05 7.58
CA ARG A 309 -14.10 15.26 8.01
C ARG A 309 -13.21 15.81 6.91
N ILE A 310 -12.48 14.92 6.22
CA ILE A 310 -11.54 15.38 5.22
C ILE A 310 -12.28 15.87 3.97
N SER A 311 -13.44 15.27 3.66
CA SER A 311 -14.26 15.78 2.57
C SER A 311 -14.60 17.24 2.80
N ALA A 312 -14.97 17.58 4.04
CA ALA A 312 -15.33 18.96 4.35
C ALA A 312 -14.12 19.89 4.20
N ILE A 313 -12.97 19.50 4.78
CA ILE A 313 -11.77 20.34 4.65
C ILE A 313 -11.40 20.55 3.18
N PHE A 314 -11.35 19.45 2.41
CA PHE A 314 -11.08 19.50 0.99
C PHE A 314 -12.00 20.48 0.26
N SER A 315 -13.30 20.48 0.61
CA SER A 315 -14.27 21.33 -0.07
C SER A 315 -14.04 22.81 0.17
N THR A 316 -13.22 23.19 1.16
CA THR A 316 -13.04 24.63 1.40
C THR A 316 -12.04 25.27 0.46
N PHE A 317 -11.29 24.46 -0.30
CA PHE A 317 -10.28 24.94 -1.22
C PHE A 317 -10.87 25.15 -2.61
N ILE A 318 -10.52 26.29 -3.21
CA ILE A 318 -10.89 26.56 -4.58
C ILE A 318 -10.11 25.65 -5.53
N GLY A 319 -8.82 25.50 -5.26
CA GLY A 319 -7.96 24.70 -6.11
C GLY A 319 -6.62 24.44 -5.46
#